data_2GFG
#
_entry.id   2GFG
#
_cell.length_a   43.030
_cell.length_b   74.690
_cell.length_c   188.130
_cell.angle_alpha   90.000
_cell.angle_beta   90.000
_cell.angle_gamma   90.000
#
_symmetry.space_group_name_H-M   'P 21 21 21'
#
loop_
_entity.id
_entity.type
_entity.pdbx_description
1 polymer BH2851
2 non-polymer 'CHLORIDE ION'
3 non-polymer 'UNKNOWN LIGAND'
4 non-polymer 1,2-ETHANEDIOL
5 non-polymer 'SODIUM ION'
6 water water
#
_entity_poly.entity_id   1
_entity_poly.type   'polypeptide(L)'
_entity_poly.pdbx_seq_one_letter_code
;G(MSE)GKEIEIERKTLVSKETFKRLISQLHIGEGDFKLQRNHYFETDDFQLKKQSSALRIREKEAIFTFTLKQPHPAGL
LETNQTLSKQEAKLALESAHFPSGEV(MSE)DALRDLSIPISQLKHIGTLSTSRAEISYEQGILCLDHSSYLGIEDYEIE
FEGTSEEHATVTFQEILKTFSISQVPTENKIQRFFSKKEKN
;
_entity_poly.pdbx_strand_id   A,B,C
#
# COMPACT_ATOMS: atom_id res chain seq x y z
N GLY A 1 -11.12 -9.78 -12.24
CA GLY A 1 -11.69 -11.13 -11.99
C GLY A 1 -10.66 -12.25 -12.04
N GLY A 3 -8.58 -13.99 -13.83
CA GLY A 3 -7.84 -14.00 -15.11
C GLY A 3 -8.14 -12.78 -15.98
N LYS A 4 -9.40 -12.33 -15.96
CA LYS A 4 -9.83 -11.18 -16.78
C LYS A 4 -10.16 -10.00 -15.90
N GLU A 5 -9.86 -8.79 -16.38
CA GLU A 5 -10.18 -7.57 -15.63
C GLU A 5 -10.31 -6.34 -16.52
N ILE A 6 -11.11 -5.38 -16.05
CA ILE A 6 -11.32 -4.14 -16.75
C ILE A 6 -10.32 -3.12 -16.23
N GLU A 7 -9.54 -2.54 -17.15
CA GLU A 7 -8.52 -1.57 -16.82
C GLU A 7 -9.02 -0.14 -17.11
N ILE A 8 -9.31 0.62 -16.04
CA ILE A 8 -9.61 2.06 -16.13
C ILE A 8 -8.35 2.81 -15.68
N GLU A 9 -7.71 3.53 -16.59
CA GLU A 9 -6.38 4.08 -16.37
C GLU A 9 -6.25 5.54 -16.85
N ARG A 10 -5.64 6.38 -16.01
CA ARG A 10 -5.23 7.75 -16.39
C ARG A 10 -3.72 7.85 -16.24
N LYS A 11 -3.08 8.66 -17.07
CA LYS A 11 -1.61 8.62 -17.22
C LYS A 11 -1.05 9.93 -17.74
N THR A 12 0.18 10.24 -17.34
CA THR A 12 0.97 11.29 -17.97
C THR A 12 2.46 11.07 -17.74
N LEU A 13 3.26 11.42 -18.76
CA LEU A 13 4.71 11.42 -18.64
C LEU A 13 5.15 12.58 -17.77
N VAL A 14 6.28 12.40 -17.09
CA VAL A 14 6.86 13.46 -16.27
C VAL A 14 8.37 13.51 -16.45
N SER A 15 8.97 14.60 -16.01
CA SER A 15 10.41 14.78 -16.08
C SER A 15 11.09 13.93 -15.04
N LYS A 16 12.41 13.80 -15.19
CA LYS A 16 13.24 13.08 -14.21
C LYS A 16 13.14 13.76 -12.83
N GLU A 17 13.26 15.09 -12.82
CA GLU A 17 13.23 15.87 -11.56
C GLU A 17 11.84 15.84 -10.90
N THR A 18 10.78 15.91 -11.71
CA THR A 18 9.40 15.81 -11.17
C THR A 18 9.15 14.41 -10.58
N PHE A 19 9.59 13.38 -11.31
CA PHE A 19 9.48 11.98 -10.85
C PHE A 19 10.18 11.81 -9.51
N LYS A 20 11.40 12.32 -9.42
CA LYS A 20 12.22 12.26 -8.19
C LYS A 20 11.56 13.04 -7.02
N ARG A 21 10.89 14.15 -7.35
CA ARG A 21 10.15 14.94 -6.35
C ARG A 21 8.93 14.18 -5.84
N LEU A 22 8.22 13.51 -6.75
CA LEU A 22 7.02 12.73 -6.40
C LEU A 22 7.35 11.54 -5.52
N ILE A 23 8.50 10.91 -5.77
CA ILE A 23 9.00 9.81 -4.91
C ILE A 23 9.19 10.31 -3.49
N SER A 24 9.79 11.50 -3.35
CA SER A 24 10.03 12.12 -2.03
C SER A 24 8.72 12.51 -1.32
N GLN A 25 7.84 13.23 -2.02
CA GLN A 25 6.61 13.77 -1.40
C GLN A 25 5.58 12.70 -1.05
N LEU A 26 5.53 11.62 -1.85
CA LEU A 26 4.68 10.45 -1.55
C LEU A 26 5.36 9.48 -0.53
N HIS A 27 6.58 9.83 -0.08
CA HIS A 27 7.36 9.02 0.91
C HIS A 27 7.58 7.56 0.45
N ILE A 28 7.93 7.43 -0.83
CA ILE A 28 8.20 6.11 -1.44
C ILE A 28 9.68 5.78 -1.34
N GLY A 29 9.99 4.61 -0.78
CA GLY A 29 11.39 4.16 -0.63
C GLY A 29 11.94 3.52 -1.90
N GLU A 30 13.27 3.44 -1.99
CA GLU A 30 13.95 2.77 -3.12
C GLU A 30 13.52 1.30 -3.25
N GLY A 31 13.37 0.63 -2.11
CA GLY A 31 12.98 -0.78 -2.06
C GLY A 31 11.54 -1.07 -2.49
N ASP A 32 10.71 -0.02 -2.54
CA ASP A 32 9.31 -0.15 -3.03
C ASP A 32 9.25 -0.35 -4.54
N PHE A 33 10.28 0.12 -5.25
CA PHE A 33 10.36 -0.05 -6.70
C PHE A 33 10.72 -1.50 -7.06
N LYS A 34 9.85 -2.13 -7.86
CA LYS A 34 10.07 -3.49 -8.35
C LYS A 34 10.32 -3.44 -9.86
N LEU A 35 11.20 -4.30 -10.33
CA LEU A 35 11.59 -4.34 -11.75
C LEU A 35 10.77 -5.38 -12.50
N GLN A 36 10.29 -5.00 -13.68
CA GLN A 36 9.58 -5.92 -14.57
C GLN A 36 9.99 -5.70 -16.03
N ARG A 37 9.90 -6.77 -16.82
CA ARG A 37 10.23 -6.73 -18.25
C ARG A 37 9.01 -7.08 -19.06
N ASN A 38 8.67 -6.19 -20.00
CA ASN A 38 7.54 -6.41 -20.87
C ASN A 38 8.04 -6.79 -22.24
N HIS A 39 7.79 -8.04 -22.63
CA HIS A 39 8.17 -8.53 -23.95
C HIS A 39 6.98 -8.41 -24.87
N TYR A 40 7.12 -7.60 -25.92
CA TYR A 40 5.99 -7.29 -26.81
C TYR A 40 5.92 -8.17 -28.04
N PHE A 41 4.70 -8.52 -28.42
CA PHE A 41 4.46 -9.34 -29.60
C PHE A 41 3.56 -8.61 -30.57
N GLU A 42 3.85 -8.76 -31.85
CA GLU A 42 3.10 -8.09 -32.89
C GLU A 42 3.46 -8.70 -34.25
N THR A 43 2.54 -8.59 -35.21
CA THR A 43 2.78 -9.01 -36.60
C THR A 43 3.58 -7.95 -37.34
N ASP A 44 4.13 -8.31 -38.49
CA ASP A 44 4.92 -7.35 -39.32
C ASP A 44 4.10 -6.11 -39.71
N ASP A 45 2.85 -6.34 -40.11
CA ASP A 45 1.95 -5.23 -40.50
C ASP A 45 1.23 -4.55 -39.30
N PHE A 46 1.55 -5.00 -38.08
CA PHE A 46 1.01 -4.42 -36.84
C PHE A 46 -0.53 -4.59 -36.70
N GLN A 47 -0.99 -5.85 -36.76
CA GLN A 47 -2.46 -6.15 -36.69
C GLN A 47 -3.08 -5.84 -35.32
N LEU A 48 -2.35 -6.12 -34.24
CA LEU A 48 -2.85 -5.80 -32.89
C LEU A 48 -3.04 -4.29 -32.71
N LYS A 49 -2.11 -3.51 -33.25
CA LYS A 49 -2.19 -2.04 -33.19
C LYS A 49 -3.45 -1.56 -33.95
N LYS A 50 -3.71 -2.14 -35.11
CA LYS A 50 -4.89 -1.77 -35.94
C LYS A 50 -6.23 -2.15 -35.29
N GLN A 51 -6.20 -3.12 -34.37
CA GLN A 51 -7.39 -3.48 -33.58
C GLN A 51 -7.32 -2.89 -32.15
N SER A 52 -6.48 -1.84 -31.98
CA SER A 52 -6.30 -1.13 -30.70
C SER A 52 -5.99 -2.09 -29.53
N SER A 53 -5.23 -3.14 -29.83
CA SER A 53 -4.89 -4.16 -28.85
C SER A 53 -3.39 -4.26 -28.65
N ALA A 54 -3.00 -4.88 -27.54
CA ALA A 54 -1.60 -5.06 -27.19
C ALA A 54 -1.40 -6.42 -26.52
N LEU A 55 -0.36 -7.14 -26.98
CA LEU A 55 -0.03 -8.47 -26.48
C LEU A 55 1.38 -8.44 -25.92
N ARG A 56 1.53 -8.87 -24.68
CA ARG A 56 2.85 -8.95 -24.05
C ARG A 56 2.99 -10.19 -23.18
N ILE A 57 4.25 -10.57 -22.92
CA ILE A 57 4.59 -11.47 -21.83
C ILE A 57 5.40 -10.66 -20.81
N ARG A 58 4.88 -10.57 -19.58
CA ARG A 58 5.56 -9.85 -18.49
C ARG A 58 6.37 -10.79 -17.64
N GLU A 59 7.58 -10.36 -17.28
CA GLU A 59 8.46 -11.09 -16.38
C GLU A 59 8.69 -10.22 -15.13
N LYS A 60 8.35 -10.76 -13.95
CA LYS A 60 8.50 -10.01 -12.69
C LYS A 60 8.71 -10.95 -11.53
N GLU A 61 9.90 -10.87 -10.91
CA GLU A 61 10.26 -11.71 -9.75
C GLU A 61 10.07 -13.21 -10.04
N ALA A 62 10.62 -13.65 -11.18
CA ALA A 62 10.55 -15.07 -11.61
C ALA A 62 9.11 -15.59 -11.94
N ILE A 63 8.16 -14.66 -12.13
CA ILE A 63 6.81 -15.00 -12.55
C ILE A 63 6.52 -14.39 -13.93
N PHE A 64 6.07 -15.25 -14.85
CA PHE A 64 5.73 -14.83 -16.21
C PHE A 64 4.23 -14.79 -16.39
N THR A 65 3.75 -13.71 -17.02
CA THR A 65 2.31 -13.51 -17.25
C THR A 65 2.06 -13.10 -18.71
N PHE A 66 1.28 -13.91 -19.42
CA PHE A 66 0.86 -13.64 -20.79
C PHE A 66 -0.39 -12.77 -20.73
N THR A 67 -0.35 -11.61 -21.39
CA THR A 67 -1.45 -10.62 -21.27
C THR A 67 -1.86 -10.02 -22.60
N LEU A 68 -3.15 -10.11 -22.89
CA LEU A 68 -3.77 -9.38 -23.98
C LEU A 68 -4.56 -8.20 -23.42
N LYS A 69 -4.48 -7.04 -24.08
CA LYS A 69 -5.34 -5.88 -23.80
C LYS A 69 -6.08 -5.56 -25.06
N GLN A 70 -7.42 -5.47 -24.98
CA GLN A 70 -8.27 -5.15 -26.16
C GLN A 70 -9.35 -4.14 -25.77
N PRO A 71 -9.98 -3.49 -26.78
CA PRO A 71 -11.06 -2.54 -26.51
C PRO A 71 -12.27 -3.15 -25.75
N HIS A 72 -12.96 -2.30 -24.99
CA HIS A 72 -14.09 -2.71 -24.16
C HIS A 72 -14.96 -1.48 -23.91
N PRO A 73 -16.32 -1.66 -23.78
CA PRO A 73 -17.19 -0.49 -23.54
C PRO A 73 -16.60 0.52 -22.53
N ALA A 74 -16.21 0.03 -21.35
CA ALA A 74 -15.53 0.84 -20.34
C ALA A 74 -14.07 0.39 -20.22
N GLY A 75 -13.13 1.30 -20.56
CA GLY A 75 -11.70 1.01 -20.45
C GLY A 75 -11.24 -0.04 -21.45
N LEU A 76 -10.27 -0.86 -21.04
CA LEU A 76 -9.80 -1.98 -21.84
C LEU A 76 -10.02 -3.28 -21.09
N LEU A 77 -10.32 -4.35 -21.83
CA LEU A 77 -10.42 -5.70 -21.28
C LEU A 77 -9.04 -6.31 -21.26
N GLU A 78 -8.57 -6.67 -20.05
CA GLU A 78 -7.28 -7.30 -19.88
C GLU A 78 -7.45 -8.78 -19.57
N THR A 79 -6.92 -9.64 -20.44
CA THR A 79 -6.96 -11.08 -20.24
C THR A 79 -5.57 -11.56 -19.87
N ASN A 80 -5.44 -12.05 -18.63
CA ASN A 80 -4.14 -12.49 -18.08
C ASN A 80 -4.05 -14.01 -17.98
N GLN A 81 -2.86 -14.55 -18.26
CA GLN A 81 -2.61 -16.00 -18.12
C GLN A 81 -1.18 -16.24 -17.65
N THR A 82 -1.03 -17.00 -16.57
CA THR A 82 0.27 -17.38 -16.04
C THR A 82 0.96 -18.37 -16.97
N LEU A 83 2.26 -18.16 -17.19
CA LEU A 83 3.08 -19.07 -17.99
C LEU A 83 4.23 -19.57 -17.17
N SER A 84 4.73 -20.76 -17.53
CA SER A 84 5.99 -21.24 -16.98
C SER A 84 7.13 -20.60 -17.76
N LYS A 85 8.33 -20.68 -17.20
CA LYS A 85 9.54 -20.22 -17.90
C LYS A 85 9.70 -20.92 -19.28
N GLN A 86 9.35 -22.22 -19.33
CA GLN A 86 9.36 -23.02 -20.60
C GLN A 86 8.46 -22.39 -21.64
N GLU A 87 7.20 -22.13 -21.25
CA GLU A 87 6.19 -21.58 -22.15
C GLU A 87 6.57 -20.18 -22.59
N ALA A 88 7.03 -19.38 -21.63
CA ALA A 88 7.48 -18.01 -21.92
C ALA A 88 8.67 -18.01 -22.90
N LYS A 89 9.63 -18.89 -22.67
CA LYS A 89 10.83 -18.99 -23.51
C LYS A 89 10.49 -19.46 -24.94
N LEU A 90 9.63 -20.48 -25.05
CA LEU A 90 9.13 -20.96 -26.36
C LEU A 90 8.46 -19.86 -27.16
N ALA A 91 7.62 -19.07 -26.49
CA ALA A 91 6.93 -17.95 -27.13
C ALA A 91 7.91 -16.89 -27.59
N LEU A 92 8.86 -16.54 -26.72
CA LEU A 92 9.87 -15.52 -27.01
C LEU A 92 10.84 -15.92 -28.11
N GLU A 93 11.29 -17.18 -28.07
CA GLU A 93 12.37 -17.64 -28.99
C GLU A 93 11.85 -18.19 -30.33
N SER A 94 10.67 -18.83 -30.31
CA SER A 94 10.17 -19.53 -31.50
C SER A 94 8.71 -19.22 -31.87
N ALA A 95 8.15 -18.16 -31.27
CA ALA A 95 6.75 -17.73 -31.55
C ALA A 95 5.68 -18.86 -31.36
N HIS A 96 5.97 -19.85 -30.47
CA HIS A 96 5.00 -20.89 -30.13
CA HIS A 96 5.00 -20.89 -30.12
C HIS A 96 4.31 -20.54 -28.81
N PHE A 97 3.02 -20.22 -28.90
CA PHE A 97 2.25 -19.79 -27.73
C PHE A 97 1.37 -20.92 -27.20
N PRO A 98 1.07 -20.88 -25.88
CA PRO A 98 0.28 -21.92 -25.29
C PRO A 98 -1.22 -21.66 -25.46
N SER A 99 -1.99 -22.74 -25.51
CA SER A 99 -3.45 -22.65 -25.53
C SER A 99 -3.96 -22.07 -24.22
N GLY A 100 -5.13 -21.46 -24.28
CA GLY A 100 -5.71 -20.79 -23.10
C GLY A 100 -6.54 -19.60 -23.50
N GLU A 101 -6.91 -18.80 -22.51
CA GLU A 101 -7.84 -17.66 -22.72
C GLU A 101 -7.26 -16.55 -23.59
N VAL A 102 -5.94 -16.38 -23.52
CA VAL A 102 -5.25 -15.36 -24.33
C VAL A 102 -5.29 -15.78 -25.80
N ASP A 104 -7.34 -17.87 -27.15
CA ASP A 104 -8.76 -17.84 -27.56
C ASP A 104 -9.19 -16.44 -28.01
N ALA A 105 -8.85 -15.44 -27.20
CA ALA A 105 -9.20 -14.04 -27.50
C ALA A 105 -8.48 -13.50 -28.76
N LEU A 106 -7.25 -13.98 -28.99
CA LEU A 106 -6.51 -13.61 -30.21
C LEU A 106 -7.18 -14.18 -31.45
N ARG A 107 -7.58 -15.46 -31.36
CA ARG A 107 -8.29 -16.12 -32.46
C ARG A 107 -9.69 -15.53 -32.70
N ASP A 108 -10.35 -15.06 -31.64
CA ASP A 108 -11.65 -14.32 -31.77
C ASP A 108 -11.48 -12.98 -32.52
N LEU A 109 -10.29 -12.40 -32.44
CA LEU A 109 -9.96 -11.14 -33.16
C LEU A 109 -9.39 -11.39 -34.58
N SER A 110 -9.37 -12.66 -35.02
CA SER A 110 -8.82 -13.07 -36.35
C SER A 110 -7.33 -12.71 -36.51
N ILE A 111 -6.58 -12.79 -35.40
CA ILE A 111 -5.15 -12.54 -35.41
C ILE A 111 -4.44 -13.83 -35.81
N PRO A 112 -3.67 -13.79 -36.92
CA PRO A 112 -2.90 -14.98 -37.28
C PRO A 112 -1.73 -15.19 -36.31
N ILE A 113 -1.86 -16.17 -35.42
CA ILE A 113 -0.84 -16.44 -34.37
C ILE A 113 0.53 -16.84 -34.97
N SER A 114 0.50 -17.50 -36.12
CA SER A 114 1.73 -17.86 -36.85
C SER A 114 2.53 -16.63 -37.33
N GLN A 115 1.86 -15.47 -37.42
CA GLN A 115 2.51 -14.21 -37.84
C GLN A 115 3.03 -13.37 -36.66
N LEU A 116 2.61 -13.73 -35.42
CA LEU A 116 3.07 -13.02 -34.22
C LEU A 116 4.51 -13.37 -33.90
N LYS A 117 5.27 -12.38 -33.45
CA LYS A 117 6.67 -12.60 -33.02
C LYS A 117 7.11 -11.58 -32.00
N HIS A 118 8.18 -11.92 -31.28
CA HIS A 118 8.75 -11.02 -30.28
C HIS A 118 9.42 -9.82 -30.98
N ILE A 119 8.84 -8.62 -30.79
CA ILE A 119 9.36 -7.38 -31.44
C ILE A 119 10.38 -6.64 -30.57
N GLY A 120 10.28 -6.81 -29.25
CA GLY A 120 11.26 -6.23 -28.32
C GLY A 120 10.79 -6.19 -26.88
N THR A 121 11.67 -5.69 -26.01
CA THR A 121 11.44 -5.69 -24.57
C THR A 121 11.65 -4.31 -23.95
N LEU A 122 10.66 -3.89 -23.16
CA LEU A 122 10.70 -2.64 -22.41
C LEU A 122 10.73 -2.97 -20.93
N SER A 123 11.74 -2.44 -20.22
CA SER A 123 11.87 -2.67 -18.78
C SER A 123 11.29 -1.52 -17.99
N THR A 124 10.62 -1.83 -16.87
CA THR A 124 10.03 -0.81 -16.00
C THR A 124 10.35 -1.07 -14.53
N SER A 125 10.78 -0.01 -13.84
CA SER A 125 10.92 -0.01 -12.41
C SER A 125 9.69 0.68 -11.85
N ARG A 126 8.90 -0.04 -11.05
CA ARG A 126 7.56 0.42 -10.65
C ARG A 126 7.37 0.47 -9.15
N ALA A 127 6.82 1.58 -8.67
CA ALA A 127 6.32 1.71 -7.31
C ALA A 127 4.81 1.90 -7.38
N GLU A 128 4.07 1.24 -6.47
CA GLU A 128 2.60 1.35 -6.41
C GLU A 128 2.15 1.71 -5.01
N ILE A 129 1.17 2.61 -4.92
CA ILE A 129 0.54 2.94 -3.63
C ILE A 129 -0.96 3.00 -3.80
N SER A 130 -1.69 2.76 -2.72
CA SER A 130 -3.14 2.97 -2.73
C SER A 130 -3.39 4.47 -2.62
N TYR A 131 -4.09 5.03 -3.60
CA TYR A 131 -4.42 6.45 -3.60
C TYR A 131 -5.92 6.62 -3.70
N GLU A 132 -6.51 7.31 -2.71
CA GLU A 132 -7.96 7.50 -2.65
C GLU A 132 -8.66 6.12 -2.74
N GLN A 133 -9.52 5.92 -3.77
CA GLN A 133 -10.21 4.64 -3.95
C GLN A 133 -9.60 3.82 -5.09
N GLY A 134 -8.34 4.12 -5.45
CA GLY A 134 -7.63 3.43 -6.53
C GLY A 134 -6.15 3.23 -6.23
N ILE A 135 -5.38 3.01 -7.28
CA ILE A 135 -3.94 2.76 -7.17
C ILE A 135 -3.15 3.73 -8.04
N LEU A 136 -2.06 4.28 -7.49
CA LEU A 136 -1.20 5.24 -8.19
C LEU A 136 0.15 4.60 -8.45
N CYS A 137 0.54 4.51 -9.73
CA CYS A 137 1.81 3.88 -10.11
C CYS A 137 2.86 4.92 -10.57
N LEU A 138 4.10 4.79 -10.06
CA LEU A 138 5.26 5.57 -10.57
C LEU A 138 6.16 4.67 -11.39
N ASP A 139 6.22 4.93 -12.70
CA ASP A 139 6.93 4.05 -13.65
C ASP A 139 8.13 4.72 -14.28
N HIS A 140 9.31 4.16 -14.01
CA HIS A 140 10.53 4.53 -14.70
C HIS A 140 10.85 3.40 -15.67
N SER A 141 10.80 3.71 -16.98
CA SER A 141 10.96 2.69 -18.02
C SER A 141 12.19 2.94 -18.86
N SER A 142 12.81 1.86 -19.35
CA SER A 142 13.95 1.93 -20.27
C SER A 142 13.70 1.01 -21.46
N TYR A 143 14.00 1.49 -22.66
CA TYR A 143 13.75 0.72 -23.89
C TYR A 143 14.51 1.27 -25.06
N LEU A 144 15.10 0.37 -25.86
CA LEU A 144 15.78 0.74 -27.11
C LEU A 144 16.81 1.89 -26.93
N GLY A 145 17.57 1.85 -25.82
CA GLY A 145 18.64 2.84 -25.55
C GLY A 145 18.23 4.07 -24.72
N ILE A 146 16.93 4.42 -24.73
CA ILE A 146 16.43 5.62 -24.01
C ILE A 146 15.66 5.24 -22.74
N GLU A 147 15.14 6.24 -22.03
CA GLU A 147 14.27 6.01 -20.86
C GLU A 147 13.29 7.16 -20.63
N ASP A 148 12.28 6.90 -19.80
CA ASP A 148 11.31 7.94 -19.43
C ASP A 148 10.61 7.64 -18.10
N TYR A 149 9.83 8.61 -17.63
CA TYR A 149 9.16 8.53 -16.33
C TYR A 149 7.69 8.82 -16.50
N GLU A 150 6.87 8.13 -15.73
CA GLU A 150 5.43 8.20 -15.90
C GLU A 150 4.68 7.94 -14.59
N ILE A 151 3.64 8.75 -14.34
CA ILE A 151 2.71 8.51 -13.25
C ILE A 151 1.39 8.06 -13.86
N GLU A 152 0.72 7.09 -13.22
CA GLU A 152 -0.60 6.58 -13.72
C GLU A 152 -1.54 6.33 -12.56
N PHE A 153 -2.84 6.60 -12.76
CA PHE A 153 -3.85 6.27 -11.75
C PHE A 153 -4.78 5.18 -12.26
N GLU A 154 -4.90 4.10 -11.49
CA GLU A 154 -5.79 2.98 -11.80
C GLU A 154 -7.13 3.16 -11.07
N GLY A 155 -8.19 3.42 -11.83
CA GLY A 155 -9.51 3.67 -11.26
C GLY A 155 -10.46 2.50 -11.41
N THR A 156 -11.66 2.66 -10.82
CA THR A 156 -12.75 1.65 -10.89
C THR A 156 -13.90 2.12 -11.80
N SER A 157 -14.08 3.45 -11.92
CA SER A 157 -15.02 4.04 -12.88
C SER A 157 -14.33 5.16 -13.66
N GLU A 158 -14.72 5.32 -14.93
CA GLU A 158 -14.12 6.34 -15.82
C GLU A 158 -14.32 7.75 -15.26
N GLU A 159 -15.52 8.01 -14.72
CA GLU A 159 -15.88 9.33 -14.18
C GLU A 159 -15.03 9.70 -12.95
N HIS A 160 -14.97 8.79 -11.98
CA HIS A 160 -14.25 9.04 -10.72
C HIS A 160 -12.71 9.06 -10.95
N ALA A 161 -12.24 8.23 -11.88
CA ALA A 161 -10.80 8.19 -12.24
C ALA A 161 -10.31 9.53 -12.81
N THR A 162 -11.15 10.17 -13.64
CA THR A 162 -10.84 11.49 -14.20
C THR A 162 -10.74 12.54 -13.09
N VAL A 163 -11.74 12.58 -12.22
CA VAL A 163 -11.78 13.51 -11.09
C VAL A 163 -10.54 13.31 -10.19
N THR A 164 -10.25 12.06 -9.84
CA THR A 164 -9.13 11.75 -8.96
C THR A 164 -7.78 12.10 -9.59
N PHE A 165 -7.63 11.82 -10.89
CA PHE A 165 -6.34 12.10 -11.58
C PHE A 165 -6.11 13.58 -11.77
N GLN A 166 -7.16 14.33 -12.13
CA GLN A 166 -7.06 15.79 -12.24
C GLN A 166 -6.70 16.42 -10.86
N GLU A 167 -7.20 15.80 -9.78
CA GLU A 167 -6.86 16.21 -8.41
C GLU A 167 -5.36 15.96 -8.12
N ILE A 168 -4.85 14.80 -8.54
CA ILE A 168 -3.42 14.46 -8.39
C ILE A 168 -2.53 15.47 -9.11
N LEU A 169 -2.88 15.81 -10.36
CA LEU A 169 -2.11 16.77 -11.18
C LEU A 169 -2.07 18.14 -10.51
N LYS A 170 -3.20 18.56 -9.94
CA LYS A 170 -3.31 19.84 -9.25
C LYS A 170 -2.56 19.81 -7.90
N THR A 171 -2.83 18.78 -7.10
CA THR A 171 -2.25 18.65 -5.75
C THR A 171 -0.73 18.61 -5.77
N PHE A 172 -0.17 17.82 -6.67
CA PHE A 172 1.28 17.67 -6.77
C PHE A 172 1.90 18.53 -7.89
N SER A 173 1.08 19.47 -8.43
CA SER A 173 1.53 20.40 -9.47
C SER A 173 2.26 19.68 -10.62
N ILE A 174 1.58 18.70 -11.20
CA ILE A 174 2.09 17.98 -12.37
C ILE A 174 1.41 18.53 -13.60
N SER A 175 2.20 19.03 -14.56
CA SER A 175 1.65 19.52 -15.82
C SER A 175 1.45 18.34 -16.75
N GLN A 176 0.22 18.14 -17.21
CA GLN A 176 -0.13 16.98 -18.02
C GLN A 176 0.33 17.15 -19.46
N VAL A 177 0.75 16.05 -20.07
CA VAL A 177 1.17 16.02 -21.49
C VAL A 177 0.57 14.80 -22.18
N PRO A 178 0.33 14.88 -23.53
CA PRO A 178 -0.19 13.72 -24.25
C PRO A 178 0.71 12.49 -24.08
N THR A 179 0.10 11.36 -23.74
CA THR A 179 0.85 10.17 -23.34
C THR A 179 0.22 8.91 -23.90
N GLU A 180 0.88 8.33 -24.90
CA GLU A 180 0.46 7.02 -25.43
C GLU A 180 1.00 5.91 -24.51
N ASN A 181 0.47 4.70 -24.70
CA ASN A 181 0.88 3.54 -23.88
C ASN A 181 2.36 3.17 -24.05
N LYS A 182 2.95 2.55 -23.01
CA LYS A 182 4.38 2.12 -23.04
C LYS A 182 4.72 1.38 -24.33
N ILE A 183 3.88 0.41 -24.67
CA ILE A 183 4.06 -0.39 -25.88
C ILE A 183 4.00 0.49 -27.16
N GLN A 184 3.18 1.53 -27.13
CA GLN A 184 3.08 2.47 -28.27
C GLN A 184 4.29 3.41 -28.28
N ARG A 185 4.72 3.86 -27.08
CA ARG A 185 5.96 4.64 -26.96
C ARG A 185 7.16 3.80 -27.38
N PHE A 186 7.06 2.48 -27.16
CA PHE A 186 8.11 1.54 -27.59
C PHE A 186 8.26 1.51 -29.11
N PHE A 187 7.21 1.07 -29.82
CA PHE A 187 7.34 0.89 -31.30
C PHE A 187 7.18 2.18 -32.15
N SER A 188 6.68 3.27 -31.54
CA SER A 188 6.77 4.59 -32.20
C SER A 188 8.26 5.04 -32.23
N LYS A 189 9.01 4.65 -31.19
CA LYS A 189 10.48 4.81 -31.18
C LYS A 189 11.11 3.84 -32.19
N LYS A 190 10.65 2.58 -32.18
CA LYS A 190 11.14 1.55 -33.13
C LYS A 190 10.97 2.01 -34.61
N GLU A 191 9.83 2.63 -34.91
CA GLU A 191 9.59 3.23 -36.24
C GLU A 191 10.38 4.53 -36.40
N GLY B 3 22.16 27.52 18.27
CA GLY B 3 20.82 27.18 18.80
C GLY B 3 19.70 28.17 18.40
N LYS B 4 20.07 29.21 17.66
CA LYS B 4 19.12 30.24 17.21
C LYS B 4 18.57 29.90 15.83
N GLU B 5 17.33 30.32 15.56
CA GLU B 5 16.70 30.07 14.26
C GLU B 5 15.66 31.15 13.92
N ILE B 6 15.73 31.65 12.68
CA ILE B 6 14.74 32.58 12.17
C ILE B 6 13.62 31.77 11.54
N GLU B 7 12.40 31.96 12.03
CA GLU B 7 11.23 31.23 11.52
C GLU B 7 10.33 32.15 10.71
N ILE B 8 10.21 31.87 9.41
CA ILE B 8 9.24 32.53 8.54
C ILE B 8 8.08 31.57 8.35
N GLU B 9 6.88 31.99 8.71
CA GLU B 9 5.73 31.09 8.70
C GLU B 9 4.43 31.78 8.31
N ARG B 10 3.63 31.06 7.52
CA ARG B 10 2.27 31.46 7.19
C ARG B 10 1.39 30.33 7.61
N LYS B 11 0.20 30.66 8.11
CA LYS B 11 -0.69 29.64 8.68
C LYS B 11 -2.17 30.00 8.54
N THR B 12 -3.02 28.98 8.67
CA THR B 12 -4.46 29.17 8.75
C THR B 12 -5.10 27.98 9.42
N LEU B 13 -6.20 28.22 10.13
CA LEU B 13 -7.01 27.14 10.68
C LEU B 13 -7.78 26.51 9.54
N VAL B 14 -8.04 25.21 9.68
CA VAL B 14 -8.89 24.47 8.74
C VAL B 14 -9.92 23.66 9.51
N SER B 15 -10.97 23.26 8.82
CA SER B 15 -11.99 22.41 9.42
C SER B 15 -11.48 20.98 9.51
N LYS B 16 -12.15 20.17 10.34
CA LYS B 16 -11.84 18.73 10.44
C LYS B 16 -11.98 18.03 9.08
N GLU B 17 -13.00 18.42 8.31
CA GLU B 17 -13.27 17.85 6.98
C GLU B 17 -12.15 18.19 5.98
N THR B 18 -11.79 19.46 5.92
CA THR B 18 -10.64 19.92 5.12
C THR B 18 -9.34 19.19 5.52
N PHE B 19 -9.11 19.09 6.82
CA PHE B 19 -7.91 18.41 7.34
C PHE B 19 -7.84 16.96 6.86
N LYS B 20 -8.97 16.25 6.92
CA LYS B 20 -9.05 14.86 6.44
C LYS B 20 -8.88 14.76 4.91
N ARG B 21 -9.45 15.73 4.17
CA ARG B 21 -9.28 15.76 2.69
C ARG B 21 -7.79 15.92 2.31
N LEU B 22 -7.08 16.80 3.02
CA LEU B 22 -5.65 17.03 2.78
C LEU B 22 -4.81 15.78 3.06
N ILE B 23 -5.12 15.11 4.18
CA ILE B 23 -4.47 13.83 4.52
C ILE B 23 -4.62 12.82 3.38
N SER B 24 -5.83 12.71 2.86
CA SER B 24 -6.15 11.79 1.76
C SER B 24 -5.48 12.21 0.43
N GLN B 25 -5.54 13.50 0.12
CA GLN B 25 -5.00 14.03 -1.15
C GLN B 25 -3.46 14.00 -1.19
N LEU B 26 -2.83 14.26 -0.03
CA LEU B 26 -1.35 14.21 0.06
C LEU B 26 -0.82 12.83 0.46
N HIS B 27 -1.73 11.85 0.63
CA HIS B 27 -1.35 10.46 0.96
C HIS B 27 -0.51 10.39 2.24
N ILE B 28 -1.01 11.04 3.30
CA ILE B 28 -0.34 11.08 4.59
C ILE B 28 -0.85 9.94 5.45
N GLY B 29 0.07 9.09 5.92
CA GLY B 29 -0.28 7.95 6.78
C GLY B 29 -0.30 8.32 8.24
N GLU B 30 -0.91 7.45 9.06
CA GLU B 30 -0.96 7.65 10.54
C GLU B 30 0.45 7.69 11.14
N GLY B 31 1.36 6.87 10.59
CA GLY B 31 2.76 6.84 11.01
C GLY B 31 3.53 8.14 10.73
N ASP B 32 3.05 8.94 9.75
CA ASP B 32 3.70 10.25 9.42
C ASP B 32 3.40 11.35 10.45
N PHE B 33 2.36 11.13 11.28
CA PHE B 33 2.05 12.03 12.38
C PHE B 33 2.87 11.69 13.63
N LYS B 34 3.53 12.70 14.20
CA LYS B 34 4.27 12.56 15.45
C LYS B 34 3.62 13.41 16.52
N LEU B 35 3.40 12.82 17.69
CA LEU B 35 2.80 13.53 18.81
C LEU B 35 3.83 14.43 19.49
N GLN B 36 3.40 15.62 19.88
CA GLN B 36 4.23 16.52 20.70
C GLN B 36 3.36 17.25 21.71
N ARG B 37 3.91 17.49 22.90
CA ARG B 37 3.21 18.21 23.95
C ARG B 37 3.95 19.47 24.31
N ASN B 38 3.24 20.60 24.27
CA ASN B 38 3.81 21.92 24.53
C ASN B 38 3.36 22.47 25.87
N HIS B 39 4.31 22.60 26.82
CA HIS B 39 4.05 23.21 28.13
C HIS B 39 4.38 24.68 28.06
N TYR B 40 3.37 25.54 28.25
CA TYR B 40 3.56 27.00 28.12
C TYR B 40 3.73 27.69 29.46
N PHE B 41 4.59 28.71 29.49
CA PHE B 41 4.84 29.51 30.67
C PHE B 41 4.53 30.97 30.42
N GLU B 42 4.03 31.65 31.46
CA GLU B 42 3.77 33.07 31.41
C GLU B 42 3.68 33.62 32.85
N THR B 43 3.91 34.93 32.99
CA THR B 43 3.77 35.61 34.27
C THR B 43 2.31 36.06 34.48
N ASP B 44 1.97 36.35 35.73
CA ASP B 44 0.61 36.84 36.06
C ASP B 44 0.31 38.21 35.44
N ASP B 45 1.34 39.06 35.34
CA ASP B 45 1.21 40.39 34.66
C ASP B 45 1.50 40.35 33.13
N PHE B 46 1.62 39.13 32.56
CA PHE B 46 1.74 38.91 31.10
C PHE B 46 2.95 39.64 30.46
N GLN B 47 4.14 39.36 30.98
CA GLN B 47 5.38 40.00 30.53
C GLN B 47 5.79 39.55 29.12
N LEU B 48 5.77 38.23 28.89
CA LEU B 48 6.10 37.67 27.55
C LEU B 48 5.17 38.22 26.49
N LYS B 49 3.87 38.19 26.77
CA LYS B 49 2.86 38.76 25.88
C LYS B 49 3.16 40.23 25.54
N LYS B 50 3.54 41.01 26.56
CA LYS B 50 3.89 42.44 26.38
C LYS B 50 5.22 42.64 25.62
N GLN B 51 6.04 41.59 25.60
CA GLN B 51 7.26 41.58 24.76
C GLN B 51 7.02 40.82 23.42
N SER B 52 5.74 40.60 23.08
CA SER B 52 5.34 39.85 21.85
C SER B 52 6.14 38.54 21.71
N SER B 53 6.23 37.80 22.82
CA SER B 53 7.05 36.61 22.89
C SER B 53 6.28 35.45 23.50
N ALA B 54 6.85 34.25 23.35
CA ALA B 54 6.26 33.02 23.90
C ALA B 54 7.35 32.11 24.43
N LEU B 55 7.04 31.36 25.50
CA LEU B 55 7.99 30.44 26.12
C LEU B 55 7.34 29.08 26.34
N ARG B 56 8.05 28.01 25.97
CA ARG B 56 7.54 26.66 26.17
C ARG B 56 8.64 25.62 26.38
N ILE B 57 8.26 24.52 27.03
CA ILE B 57 9.02 23.31 27.02
C ILE B 57 8.22 22.29 26.22
N ARG B 58 8.83 21.78 25.16
CA ARG B 58 8.20 20.78 24.30
C ARG B 58 8.71 19.41 24.66
N GLU B 59 7.82 18.42 24.67
CA GLU B 59 8.23 17.01 24.75
C GLU B 59 7.83 16.29 23.48
N LYS B 60 8.80 15.65 22.84
CA LYS B 60 8.57 14.90 21.61
C LYS B 60 9.53 13.71 21.53
N GLU B 61 8.97 12.49 21.57
CA GLU B 61 9.77 11.25 21.44
C GLU B 61 10.90 11.19 22.46
N ALA B 62 10.55 11.40 23.72
CA ALA B 62 11.52 11.36 24.84
C ALA B 62 12.63 12.45 24.74
N ILE B 63 12.34 13.55 24.03
CA ILE B 63 13.28 14.69 23.95
C ILE B 63 12.58 15.96 24.45
N PHE B 64 13.22 16.65 25.39
CA PHE B 64 12.69 17.89 25.95
C PHE B 64 13.46 19.08 25.39
N THR B 65 12.73 20.06 24.84
CA THR B 65 13.31 21.26 24.26
C THR B 65 12.72 22.50 24.92
N PHE B 66 13.61 23.37 25.42
CA PHE B 66 13.23 24.66 26.05
C PHE B 66 13.32 25.73 24.98
N THR B 67 12.17 26.35 24.62
CA THR B 67 12.11 27.24 23.44
C THR B 67 11.49 28.61 23.72
N LEU B 68 12.19 29.65 23.25
CA LEU B 68 11.71 31.03 23.33
C LEU B 68 11.51 31.56 21.89
N LYS B 69 10.31 32.11 21.64
CA LYS B 69 10.04 32.84 20.42
C LYS B 69 9.95 34.32 20.76
N GLN B 70 10.66 35.16 20.00
CA GLN B 70 10.70 36.61 20.26
C GLN B 70 10.85 37.42 18.96
N PRO B 71 10.52 38.76 19.01
CA PRO B 71 10.53 39.57 17.80
C PRO B 71 11.88 39.65 17.09
N HIS B 72 11.82 39.83 15.78
CA HIS B 72 13.00 39.95 14.94
C HIS B 72 12.57 40.72 13.66
N PRO B 73 13.51 41.50 13.03
CA PRO B 73 13.10 42.28 11.82
C PRO B 73 12.42 41.41 10.75
N ALA B 74 13.02 40.25 10.47
CA ALA B 74 12.45 39.27 9.55
C ALA B 74 12.00 38.06 10.32
N GLY B 75 10.73 37.68 10.12
CA GLY B 75 10.12 36.54 10.85
C GLY B 75 10.15 36.75 12.35
N LEU B 76 10.33 35.66 13.09
CA LEU B 76 10.60 35.74 14.52
C LEU B 76 11.87 34.97 14.86
N LEU B 77 12.48 35.32 16.00
CA LEU B 77 13.70 34.67 16.47
C LEU B 77 13.35 33.55 17.44
N GLU B 78 13.71 32.31 17.06
CA GLU B 78 13.47 31.14 17.89
C GLU B 78 14.79 30.68 18.53
N THR B 79 14.78 30.55 19.86
CA THR B 79 15.93 30.06 20.60
C THR B 79 15.59 28.71 21.20
N ASN B 80 16.38 27.69 20.87
CA ASN B 80 16.10 26.32 21.28
C ASN B 80 17.22 25.77 22.10
N GLN B 81 16.87 25.14 23.21
CA GLN B 81 17.83 24.50 24.09
C GLN B 81 17.30 23.15 24.48
N THR B 82 18.05 22.09 24.14
CA THR B 82 17.68 20.73 24.56
C THR B 82 17.91 20.59 26.06
N LEU B 83 16.91 20.04 26.74
CA LEU B 83 17.00 19.79 28.17
C LEU B 83 17.09 18.33 28.43
N SER B 84 17.71 17.98 29.55
CA SER B 84 17.64 16.62 30.08
C SER B 84 16.28 16.45 30.76
N LYS B 85 15.94 15.21 31.08
CA LYS B 85 14.70 14.92 31.82
C LYS B 85 14.76 15.53 33.23
N GLN B 86 15.97 15.52 33.83
CA GLN B 86 16.22 16.19 35.11
C GLN B 86 15.80 17.67 35.05
N GLU B 87 16.35 18.39 34.06
CA GLU B 87 16.10 19.85 33.89
C GLU B 87 14.62 20.14 33.59
N ALA B 88 14.01 19.30 32.74
CA ALA B 88 12.60 19.44 32.36
C ALA B 88 11.69 19.23 33.58
N LYS B 89 11.97 18.18 34.36
CA LYS B 89 11.17 17.88 35.57
C LYS B 89 11.28 18.99 36.64
N LEU B 90 12.48 19.52 36.83
CA LEU B 90 12.69 20.65 37.75
C LEU B 90 11.95 21.89 37.28
N ALA B 91 11.97 22.14 35.96
CA ALA B 91 11.27 23.28 35.36
C ALA B 91 9.75 23.10 35.43
N LEU B 92 9.27 21.89 35.10
CA LEU B 92 7.82 21.62 35.03
C LEU B 92 7.17 21.42 36.39
N GLU B 93 7.88 20.76 37.32
CA GLU B 93 7.30 20.38 38.64
C GLU B 93 7.55 21.42 39.75
N SER B 94 8.74 22.02 39.77
CA SER B 94 9.14 22.93 40.87
C SER B 94 9.44 24.37 40.43
N ALA B 95 9.14 24.68 39.15
CA ALA B 95 9.37 26.02 38.58
C ALA B 95 10.84 26.48 38.71
N HIS B 96 11.79 25.54 38.54
CA HIS B 96 13.23 25.87 38.51
C HIS B 96 13.76 25.70 37.10
N PHE B 97 13.99 26.81 36.42
CA PHE B 97 14.41 26.78 35.03
C PHE B 97 15.93 26.66 34.92
N PRO B 98 16.43 26.04 33.83
CA PRO B 98 17.85 25.80 33.67
C PRO B 98 18.58 26.98 33.02
N SER B 99 19.87 27.15 33.36
CA SER B 99 20.71 28.16 32.73
C SER B 99 20.92 27.81 31.26
N GLY B 100 21.35 28.80 30.48
CA GLY B 100 21.61 28.59 29.06
C GLY B 100 21.16 29.74 28.22
N GLU B 101 21.07 29.49 26.92
CA GLU B 101 20.73 30.53 25.94
C GLU B 101 19.31 31.08 26.12
N VAL B 102 18.37 30.22 26.48
CA VAL B 102 16.97 30.64 26.66
C VAL B 102 16.84 31.61 27.84
N ASP B 104 19.29 33.44 29.22
CA ASP B 104 20.01 34.67 28.81
C ASP B 104 19.10 35.59 27.97
N ALA B 105 18.42 35.01 26.99
CA ALA B 105 17.49 35.78 26.12
C ALA B 105 16.30 36.35 26.92
N LEU B 106 15.73 35.52 27.80
CA LEU B 106 14.63 35.97 28.70
C LEU B 106 15.04 37.17 29.56
N ARG B 107 16.27 37.12 30.08
CA ARG B 107 16.81 38.22 30.91
C ARG B 107 16.94 39.51 30.09
N ASP B 108 17.45 39.40 28.86
CA ASP B 108 17.56 40.57 27.95
C ASP B 108 16.20 41.16 27.60
N LEU B 109 15.16 40.31 27.59
CA LEU B 109 13.74 40.78 27.35
C LEU B 109 13.08 41.38 28.62
N SER B 110 13.85 41.54 29.71
CA SER B 110 13.34 42.08 31.01
C SER B 110 12.20 41.22 31.60
N ILE B 111 12.27 39.91 31.36
CA ILE B 111 11.29 38.97 31.91
C ILE B 111 11.84 38.37 33.20
N PRO B 112 11.11 38.54 34.34
CA PRO B 112 11.54 37.96 35.61
C PRO B 112 11.29 36.44 35.67
N ILE B 113 12.36 35.66 35.74
CA ILE B 113 12.30 34.19 35.66
C ILE B 113 11.56 33.57 36.86
N SER B 114 11.72 34.19 38.03
CA SER B 114 11.04 33.76 39.26
C SER B 114 9.50 33.89 39.18
N GLN B 115 9.01 34.76 38.27
CA GLN B 115 7.55 34.99 38.09
C GLN B 115 6.89 34.08 37.03
N LEU B 116 7.71 33.33 36.28
CA LEU B 116 7.17 32.42 35.23
C LEU B 116 6.40 31.26 35.86
N LYS B 117 5.13 31.13 35.47
CA LYS B 117 4.26 30.05 35.95
C LYS B 117 3.70 29.24 34.78
N HIS B 118 3.47 27.95 35.02
CA HIS B 118 2.84 27.05 34.03
C HIS B 118 1.40 27.48 33.79
N ILE B 119 1.02 27.68 32.51
CA ILE B 119 -0.35 28.14 32.14
C ILE B 119 -1.19 27.10 31.37
N GLY B 120 -0.56 26.01 30.95
CA GLY B 120 -1.26 24.94 30.24
C GLY B 120 -0.34 24.12 29.34
N THR B 121 -0.75 22.87 29.07
CA THR B 121 0.01 21.96 28.21
C THR B 121 -0.85 21.50 27.02
N LEU B 122 -0.42 21.87 25.81
CA LEU B 122 -1.16 21.56 24.58
C LEU B 122 -0.51 20.40 23.84
N SER B 123 -1.33 19.38 23.49
CA SER B 123 -0.87 18.26 22.66
C SER B 123 -1.13 18.55 21.19
N THR B 124 -0.15 18.19 20.33
CA THR B 124 -0.28 18.36 18.90
C THR B 124 0.20 17.11 18.16
N SER B 125 -0.66 16.60 17.28
CA SER B 125 -0.28 15.57 16.34
C SER B 125 0.10 16.28 15.03
N ARG B 126 1.36 16.10 14.60
CA ARG B 126 1.93 16.86 13.47
C ARG B 126 2.52 15.97 12.36
N ALA B 127 2.14 16.27 11.12
CA ALA B 127 2.78 15.68 9.93
C ALA B 127 3.51 16.77 9.15
N GLU B 128 4.66 16.43 8.56
CA GLU B 128 5.47 17.38 7.77
C GLU B 128 5.76 16.83 6.38
N ILE B 129 5.73 17.71 5.39
CA ILE B 129 6.00 17.33 4.02
C ILE B 129 6.64 18.51 3.28
N SER B 130 7.49 18.20 2.30
CA SER B 130 8.11 19.24 1.47
C SER B 130 7.07 19.85 0.51
N TYR B 131 7.07 21.18 0.43
CA TYR B 131 6.27 21.90 -0.55
C TYR B 131 7.12 23.07 -1.06
N GLU B 132 7.43 23.04 -2.36
CA GLU B 132 8.33 24.02 -2.99
C GLU B 132 9.71 23.99 -2.26
N GLN B 133 10.21 25.16 -1.84
CA GLN B 133 11.51 25.23 -1.15
C GLN B 133 11.32 25.30 0.38
N GLY B 134 10.13 24.93 0.87
CA GLY B 134 9.80 25.01 2.31
C GLY B 134 9.18 23.74 2.85
N ILE B 135 8.50 23.85 3.98
CA ILE B 135 7.88 22.70 4.67
C ILE B 135 6.46 23.01 5.03
N LEU B 136 5.55 22.13 4.63
CA LEU B 136 4.14 22.23 4.97
C LEU B 136 3.84 21.33 6.19
N CYS B 137 3.32 21.95 7.26
CA CYS B 137 2.93 21.22 8.48
C CYS B 137 1.43 21.12 8.58
N LEU B 138 0.93 19.93 8.89
CA LEU B 138 -0.50 19.73 9.22
C LEU B 138 -0.62 19.38 10.69
N ASP B 139 -1.24 20.29 11.47
CA ASP B 139 -1.35 20.13 12.94
C ASP B 139 -2.76 19.91 13.41
N HIS B 140 -2.97 18.78 14.09
CA HIS B 140 -4.18 18.54 14.84
C HIS B 140 -3.85 18.69 16.34
N SER B 141 -4.32 19.79 16.94
CA SER B 141 -3.97 20.14 18.32
C SER B 141 -5.13 19.92 19.24
N SER B 142 -4.84 19.54 20.49
CA SER B 142 -5.90 19.25 21.46
C SER B 142 -5.51 19.59 22.90
N TYR B 143 -6.52 19.91 23.70
CA TYR B 143 -6.37 20.20 25.12
C TYR B 143 -7.68 19.89 25.84
N LEU B 144 -7.69 18.78 26.58
CA LEU B 144 -8.87 18.35 27.38
C LEU B 144 -10.18 18.36 26.55
N GLY B 145 -10.21 17.58 25.48
CA GLY B 145 -11.43 17.45 24.63
C GLY B 145 -11.59 18.55 23.57
N ILE B 146 -10.95 19.70 23.78
CA ILE B 146 -11.04 20.84 22.85
C ILE B 146 -9.94 20.70 21.81
N GLU B 147 -10.30 20.79 20.54
CA GLU B 147 -9.35 20.52 19.45
C GLU B 147 -9.61 21.39 18.22
N ASP B 148 -8.54 21.76 17.52
CA ASP B 148 -8.65 22.42 16.21
C ASP B 148 -7.62 21.89 15.24
N TYR B 149 -7.73 22.30 13.99
CA TYR B 149 -6.87 21.84 12.92
C TYR B 149 -6.26 23.02 12.19
N GLU B 150 -5.01 22.85 11.77
CA GLU B 150 -4.24 23.96 11.22
C GLU B 150 -3.20 23.46 10.22
N ILE B 151 -2.96 24.27 9.19
CA ILE B 151 -1.82 24.07 8.30
C ILE B 151 -0.89 25.29 8.35
N GLU B 152 0.41 25.03 8.47
CA GLU B 152 1.41 26.08 8.48
C GLU B 152 2.47 25.78 7.44
N PHE B 153 3.00 26.83 6.83
CA PHE B 153 4.11 26.70 5.89
C PHE B 153 5.33 27.40 6.44
N GLU B 154 6.45 26.67 6.50
CA GLU B 154 7.74 27.23 6.93
C GLU B 154 8.54 27.61 5.69
N GLY B 155 8.76 28.92 5.50
CA GLY B 155 9.46 29.45 4.29
C GLY B 155 10.89 29.92 4.54
N THR B 156 11.57 30.31 3.46
CA THR B 156 12.98 30.76 3.51
C THR B 156 13.09 32.31 3.54
N SER B 157 12.05 33.00 3.02
CA SER B 157 11.96 34.47 3.10
C SER B 157 10.50 34.91 3.24
N GLU B 158 10.30 36.17 3.66
CA GLU B 158 8.96 36.74 3.89
C GLU B 158 8.14 36.83 2.59
N GLU B 159 8.75 37.39 1.55
CA GLU B 159 8.08 37.59 0.25
C GLU B 159 7.73 36.27 -0.43
N HIS B 160 8.65 35.31 -0.39
CA HIS B 160 8.44 34.00 -1.03
C HIS B 160 7.39 33.17 -0.29
N ALA B 161 7.43 33.21 1.06
CA ALA B 161 6.47 32.46 1.90
C ALA B 161 5.01 32.89 1.65
N THR B 162 4.80 34.19 1.40
CA THR B 162 3.48 34.71 1.09
C THR B 162 3.01 34.19 -0.27
N VAL B 163 3.88 34.32 -1.28
CA VAL B 163 3.62 33.77 -2.63
C VAL B 163 3.30 32.28 -2.55
N THR B 164 4.12 31.54 -1.83
CA THR B 164 3.98 30.08 -1.74
C THR B 164 2.71 29.66 -0.99
N PHE B 165 2.43 30.32 0.13
CA PHE B 165 1.25 29.99 0.94
C PHE B 165 -0.05 30.26 0.16
N GLN B 166 -0.08 31.36 -0.59
CA GLN B 166 -1.23 31.67 -1.45
C GLN B 166 -1.41 30.62 -2.55
N GLU B 167 -0.29 30.12 -3.08
CA GLU B 167 -0.29 29.01 -4.02
C GLU B 167 -0.86 27.73 -3.36
N ILE B 168 -0.45 27.48 -2.11
CA ILE B 168 -0.97 26.33 -1.32
C ILE B 168 -2.48 26.43 -1.13
N LEU B 169 -2.97 27.63 -0.80
CA LEU B 169 -4.42 27.86 -0.58
C LEU B 169 -5.25 27.67 -1.86
N LYS B 170 -4.65 28.04 -2.99
CA LYS B 170 -5.30 27.88 -4.31
C LYS B 170 -5.25 26.43 -4.76
N THR B 171 -4.07 25.82 -4.66
CA THR B 171 -3.86 24.40 -5.00
C THR B 171 -4.91 23.50 -4.33
N PHE B 172 -5.10 23.67 -3.02
CA PHE B 172 -6.00 22.81 -2.23
C PHE B 172 -7.40 23.40 -2.00
N SER B 173 -7.72 24.53 -2.65
CA SER B 173 -9.01 25.25 -2.41
C SER B 173 -9.29 25.42 -0.91
N ILE B 174 -8.37 26.11 -0.23
CA ILE B 174 -8.55 26.45 1.18
C ILE B 174 -8.66 27.95 1.30
N SER B 175 -9.65 28.40 2.08
CA SER B 175 -9.84 29.82 2.33
C SER B 175 -9.18 30.20 3.66
N GLN B 176 -8.29 31.18 3.62
CA GLN B 176 -7.64 31.74 4.82
C GLN B 176 -8.69 32.25 5.84
N VAL B 177 -8.42 32.03 7.13
CA VAL B 177 -9.21 32.61 8.22
C VAL B 177 -8.27 33.26 9.26
N PRO B 178 -8.79 34.24 10.05
CA PRO B 178 -7.97 34.82 11.12
C PRO B 178 -7.46 33.73 12.08
N THR B 179 -6.13 33.65 12.22
CA THR B 179 -5.51 32.55 12.95
C THR B 179 -4.48 33.05 13.97
N GLU B 180 -4.86 33.04 15.25
CA GLU B 180 -3.94 33.34 16.34
C GLU B 180 -3.00 32.16 16.56
N ASN B 181 -2.00 32.36 17.42
CA ASN B 181 -1.07 31.27 17.81
C ASN B 181 -1.73 30.28 18.75
N LYS B 182 -1.11 29.10 18.89
CA LYS B 182 -1.69 27.99 19.70
C LYS B 182 -1.90 28.39 21.18
N ILE B 183 -0.99 29.19 21.75
CA ILE B 183 -1.13 29.71 23.14
C ILE B 183 -2.40 30.55 23.28
N GLN B 184 -2.61 31.43 22.31
CA GLN B 184 -3.76 32.34 22.33
CA GLN B 184 -3.77 32.35 22.30
C GLN B 184 -5.06 31.57 22.13
N ARG B 185 -5.07 30.64 21.19
CA ARG B 185 -6.26 29.86 20.87
C ARG B 185 -6.81 29.03 22.04
N PHE B 186 -5.92 28.36 22.77
CA PHE B 186 -6.32 27.35 23.77
C PHE B 186 -6.29 27.84 25.24
N PHE B 187 -5.38 28.77 25.56
CA PHE B 187 -5.14 29.14 26.99
C PHE B 187 -5.48 30.59 27.36
N SER B 188 -5.30 31.53 26.42
CA SER B 188 -5.65 32.93 26.66
C SER B 188 -7.16 33.10 26.69
N LYS B 189 -7.73 33.03 27.91
CA LYS B 189 -9.19 33.10 28.11
C LYS B 189 -9.54 34.08 29.22
N GLY C 3 -12.16 -14.36 13.26
CA GLY C 3 -11.00 -14.11 12.38
C GLY C 3 -9.91 -15.15 12.58
N LYS C 4 -9.61 -15.46 13.86
CA LYS C 4 -8.64 -16.50 14.22
C LYS C 4 -9.39 -17.81 14.49
N GLU C 5 -8.92 -18.91 13.87
CA GLU C 5 -9.65 -20.20 13.93
C GLU C 5 -8.69 -21.39 14.01
N ILE C 6 -8.88 -22.24 15.02
CA ILE C 6 -8.10 -23.49 15.15
C ILE C 6 -8.65 -24.54 14.19
N GLU C 7 -7.81 -25.01 13.27
CA GLU C 7 -8.20 -26.01 12.27
C GLU C 7 -8.06 -27.43 12.82
N ILE C 8 -9.17 -28.18 12.79
CA ILE C 8 -9.15 -29.61 13.08
C ILE C 8 -9.38 -30.31 11.75
N GLU C 9 -8.28 -30.76 11.14
CA GLU C 9 -8.29 -31.23 9.77
C GLU C 9 -7.58 -32.56 9.59
N ARG C 10 -8.14 -33.40 8.72
CA ARG C 10 -7.48 -34.61 8.23
C ARG C 10 -7.53 -34.54 6.71
N LYS C 11 -6.44 -34.94 6.06
CA LYS C 11 -6.37 -34.83 4.59
C LYS C 11 -5.55 -35.94 3.95
N THR C 12 -5.88 -36.25 2.70
CA THR C 12 -5.06 -37.16 1.90
C THR C 12 -5.23 -36.97 0.42
N LEU C 13 -4.16 -37.18 -0.33
CA LEU C 13 -4.21 -37.27 -1.77
C LEU C 13 -4.96 -38.54 -2.17
N VAL C 14 -5.63 -38.48 -3.30
CA VAL C 14 -6.30 -39.64 -3.89
C VAL C 14 -6.04 -39.67 -5.38
N SER C 15 -6.29 -40.82 -6.00
CA SER C 15 -6.20 -40.94 -7.46
C SER C 15 -7.34 -40.21 -8.11
N LYS C 16 -7.23 -40.01 -9.42
CA LYS C 16 -8.28 -39.42 -10.23
C LYS C 16 -9.53 -40.31 -10.22
N GLU C 17 -9.30 -41.63 -10.29
CA GLU C 17 -10.39 -42.60 -10.35
C GLU C 17 -11.16 -42.63 -9.03
N THR C 18 -10.41 -42.62 -7.92
CA THR C 18 -10.99 -42.50 -6.59
C THR C 18 -11.82 -41.22 -6.45
N PHE C 19 -11.25 -40.11 -6.92
CA PHE C 19 -11.90 -38.79 -6.88
C PHE C 19 -13.25 -38.82 -7.61
N LYS C 20 -13.26 -39.35 -8.83
CA LYS C 20 -14.50 -39.49 -9.64
C LYS C 20 -15.53 -40.41 -8.95
N ARG C 21 -15.02 -41.40 -8.22
CA ARG C 21 -15.88 -42.37 -7.53
C ARG C 21 -16.54 -41.74 -6.30
N LEU C 22 -15.78 -40.87 -5.59
CA LEU C 22 -16.34 -40.07 -4.46
C LEU C 22 -17.42 -39.13 -4.93
N ILE C 23 -17.17 -38.46 -6.06
CA ILE C 23 -18.16 -37.55 -6.67
C ILE C 23 -19.47 -38.29 -7.01
N SER C 24 -19.33 -39.48 -7.59
CA SER C 24 -20.48 -40.30 -7.98
C SER C 24 -21.25 -40.80 -6.76
N GLN C 25 -20.52 -41.36 -5.80
CA GLN C 25 -21.13 -42.00 -4.64
C GLN C 25 -21.73 -40.97 -3.64
N LEU C 26 -21.11 -39.80 -3.51
CA LEU C 26 -21.63 -38.71 -2.64
C LEU C 26 -22.67 -37.82 -3.35
N HIS C 27 -22.93 -38.11 -4.64
CA HIS C 27 -23.90 -37.37 -5.45
C HIS C 27 -23.53 -35.89 -5.57
N ILE C 28 -22.25 -35.64 -5.89
CA ILE C 28 -21.75 -34.28 -6.12
C ILE C 28 -21.95 -33.94 -7.60
N GLY C 29 -22.51 -32.76 -7.87
CA GLY C 29 -22.73 -32.29 -9.26
C GLY C 29 -21.59 -31.39 -9.75
N GLU C 30 -21.66 -31.03 -11.02
CA GLU C 30 -20.68 -30.11 -11.63
C GLU C 30 -20.79 -28.69 -11.02
N GLY C 31 -22.02 -28.29 -10.68
CA GLY C 31 -22.27 -26.97 -10.06
C GLY C 31 -21.81 -26.88 -8.60
N ASP C 32 -21.59 -28.02 -7.95
CA ASP C 32 -21.03 -28.05 -6.57
C ASP C 32 -19.57 -27.60 -6.54
N PHE C 33 -18.83 -27.87 -7.62
CA PHE C 33 -17.43 -27.47 -7.70
C PHE C 33 -17.30 -25.98 -7.98
N LYS C 34 -16.47 -25.31 -7.18
CA LYS C 34 -16.27 -23.87 -7.31
C LYS C 34 -14.79 -23.53 -7.39
N LEU C 35 -14.43 -22.70 -8.37
CA LEU C 35 -13.03 -22.31 -8.59
C LEU C 35 -12.55 -21.28 -7.56
N GLN C 36 -11.36 -21.53 -7.00
CA GLN C 36 -10.68 -20.56 -6.14
C GLN C 36 -9.21 -20.50 -6.52
N ARG C 37 -8.62 -19.30 -6.39
CA ARG C 37 -7.20 -19.10 -6.68
C ARG C 37 -6.44 -18.72 -5.42
N ASN C 38 -5.43 -19.52 -5.09
CA ASN C 38 -4.59 -19.27 -3.92
C ASN C 38 -3.30 -18.64 -4.34
N HIS C 39 -3.12 -17.37 -3.96
CA HIS C 39 -1.91 -16.61 -4.28
C HIS C 39 -0.98 -16.67 -3.09
N TYR C 40 0.17 -17.34 -3.26
CA TYR C 40 1.09 -17.59 -2.13
C TYR C 40 2.21 -16.58 -2.05
N PHE C 41 2.55 -16.20 -0.81
CA PHE C 41 3.60 -15.21 -0.55
C PHE C 41 4.68 -15.81 0.33
N GLU C 42 5.93 -15.43 0.06
CA GLU C 42 7.09 -16.01 0.74
C GLU C 42 8.34 -15.18 0.48
N THR C 43 9.27 -15.18 1.45
CA THR C 43 10.55 -14.51 1.29
C THR C 43 11.50 -15.36 0.44
N ASP C 44 12.54 -14.74 -0.11
CA ASP C 44 13.57 -15.49 -0.86
C ASP C 44 14.38 -16.41 0.08
N ASP C 45 14.45 -16.02 1.37
CA ASP C 45 15.10 -16.84 2.42
C ASP C 45 14.18 -17.97 2.95
N PHE C 46 12.92 -18.01 2.47
CA PHE C 46 11.91 -19.02 2.88
C PHE C 46 11.60 -18.96 4.40
N GLN C 47 11.38 -17.74 4.90
CA GLN C 47 11.20 -17.51 6.36
C GLN C 47 9.88 -18.08 6.93
N LEU C 48 8.81 -18.09 6.14
CA LEU C 48 7.54 -18.69 6.56
C LEU C 48 7.65 -20.22 6.68
N LYS C 49 8.28 -20.85 5.70
CA LYS C 49 8.48 -22.32 5.71
C LYS C 49 9.30 -22.78 6.91
N LYS C 50 10.35 -22.03 7.23
CA LYS C 50 11.21 -22.32 8.42
C LYS C 50 10.41 -22.25 9.73
N GLN C 51 9.38 -21.39 9.75
CA GLN C 51 8.44 -21.30 10.90
C GLN C 51 7.20 -22.19 10.68
N SER C 52 7.30 -23.14 9.74
CA SER C 52 6.20 -24.08 9.40
C SER C 52 4.87 -23.35 9.09
N SER C 53 4.98 -22.15 8.50
CA SER C 53 3.80 -21.28 8.25
C SER C 53 3.54 -21.09 6.75
N ALA C 54 2.41 -20.47 6.43
CA ALA C 54 2.02 -20.23 5.03
C ALA C 54 1.11 -19.02 4.92
N LEU C 55 1.46 -18.10 4.01
CA LEU C 55 0.65 -16.90 3.76
C LEU C 55 0.05 -16.97 2.37
N ARG C 56 -1.23 -16.61 2.26
CA ARG C 56 -1.92 -16.66 0.99
C ARG C 56 -2.99 -15.56 0.87
N ILE C 57 -3.33 -15.20 -0.36
CA ILE C 57 -4.54 -14.45 -0.65
C ILE C 57 -5.41 -15.35 -1.51
N ARG C 58 -6.58 -15.72 -0.99
CA ARG C 58 -7.52 -16.53 -1.74
C ARG C 58 -8.48 -15.63 -2.51
N GLU C 59 -8.61 -15.89 -3.80
CA GLU C 59 -9.57 -15.22 -4.66
C GLU C 59 -10.67 -16.23 -4.99
N LYS C 60 -11.90 -15.91 -4.60
CA LYS C 60 -13.02 -16.89 -4.67
C LYS C 60 -14.37 -16.17 -4.60
N GLU C 61 -15.27 -16.49 -5.53
CA GLU C 61 -16.66 -15.88 -5.60
C GLU C 61 -16.68 -14.33 -5.47
N ALA C 62 -15.66 -13.70 -6.06
CA ALA C 62 -15.46 -12.24 -5.98
C ALA C 62 -15.02 -11.73 -4.58
N ILE C 63 -14.92 -12.64 -3.59
CA ILE C 63 -14.37 -12.29 -2.27
C ILE C 63 -12.87 -12.56 -2.26
N PHE C 64 -12.13 -11.72 -1.56
CA PHE C 64 -10.69 -11.89 -1.37
C PHE C 64 -10.42 -12.03 0.11
N THR C 65 -9.67 -13.06 0.49
CA THR C 65 -9.35 -13.30 1.90
C THR C 65 -7.86 -13.40 2.10
N PHE C 66 -7.34 -12.60 3.02
CA PHE C 66 -5.95 -12.64 3.43
C PHE C 66 -5.84 -13.63 4.57
N THR C 67 -5.04 -14.68 4.40
CA THR C 67 -5.00 -15.79 5.37
C THR C 67 -3.58 -16.24 5.69
N LEU C 68 -3.32 -16.44 6.98
CA LEU C 68 -2.05 -16.96 7.48
C LEU C 68 -2.30 -18.26 8.22
N LYS C 69 -1.63 -19.34 7.77
CA LYS C 69 -1.63 -20.62 8.49
C LYS C 69 -0.39 -20.69 9.38
N GLN C 70 -0.59 -21.00 10.67
CA GLN C 70 0.46 -20.87 11.67
C GLN C 70 0.39 -22.03 12.70
N PRO C 71 1.57 -22.59 13.10
CA PRO C 71 1.61 -23.69 14.08
C PRO C 71 1.40 -23.23 15.55
N HIS C 72 0.61 -24.00 16.31
CA HIS C 72 0.41 -23.76 17.77
C HIS C 72 0.16 -25.09 18.49
N PRO C 73 0.21 -25.08 19.87
CA PRO C 73 0.02 -26.31 20.67
C PRO C 73 -1.28 -27.09 20.34
N ALA C 74 -2.42 -26.39 20.35
CA ALA C 74 -3.74 -27.02 20.06
C ALA C 74 -3.84 -27.48 18.60
N GLY C 75 -3.05 -26.84 17.73
CA GLY C 75 -3.01 -27.19 16.30
C GLY C 75 -2.60 -26.01 15.47
N LEU C 76 -2.89 -26.08 14.18
CA LEU C 76 -2.62 -24.98 13.26
C LEU C 76 -3.75 -23.96 13.33
N LEU C 77 -3.41 -22.71 13.68
CA LEU C 77 -4.41 -21.63 13.75
C LEU C 77 -4.44 -20.82 12.45
N GLU C 78 -5.65 -20.60 11.93
CA GLU C 78 -5.86 -19.86 10.69
C GLU C 78 -6.37 -18.45 10.99
N THR C 79 -5.53 -17.45 10.72
CA THR C 79 -5.93 -16.05 10.85
C THR C 79 -6.46 -15.56 9.49
N ASN C 80 -7.75 -15.21 9.47
CA ASN C 80 -8.41 -14.79 8.21
C ASN C 80 -8.80 -13.31 8.24
N GLN C 81 -8.76 -12.67 7.07
CA GLN C 81 -9.10 -11.25 6.94
C GLN C 81 -9.64 -10.95 5.53
N THR C 82 -10.93 -10.62 5.45
CA THR C 82 -11.59 -10.30 4.17
C THR C 82 -11.04 -8.98 3.62
N LEU C 83 -10.57 -9.01 2.37
CA LEU C 83 -9.98 -7.83 1.72
C LEU C 83 -10.95 -7.16 0.77
N SER C 84 -10.82 -5.84 0.62
CA SER C 84 -11.53 -5.10 -0.41
C SER C 84 -10.84 -5.37 -1.74
N LYS C 85 -11.52 -5.06 -2.85
CA LYS C 85 -10.95 -5.27 -4.19
C LYS C 85 -9.64 -4.46 -4.38
N GLN C 86 -9.63 -3.23 -3.84
CA GLN C 86 -8.46 -2.33 -3.91
C GLN C 86 -7.26 -2.92 -3.14
N GLU C 87 -7.49 -3.27 -1.87
CA GLU C 87 -6.42 -3.85 -1.01
C GLU C 87 -5.84 -5.12 -1.62
N ALA C 88 -6.72 -6.00 -2.12
CA ALA C 88 -6.28 -7.25 -2.78
C ALA C 88 -5.52 -6.95 -4.08
N LYS C 89 -6.02 -5.99 -4.86
CA LYS C 89 -5.35 -5.58 -6.12
C LYS C 89 -3.92 -5.10 -5.87
N LEU C 90 -3.74 -4.30 -4.82
CA LEU C 90 -2.42 -3.75 -4.47
C LEU C 90 -1.43 -4.82 -3.99
N ALA C 91 -1.92 -5.78 -3.19
CA ALA C 91 -1.07 -6.87 -2.65
C ALA C 91 -0.64 -7.85 -3.74
N LEU C 92 -1.57 -8.20 -4.64
CA LEU C 92 -1.27 -9.13 -5.74
C LEU C 92 -0.42 -8.48 -6.87
N GLU C 93 -0.38 -7.13 -6.90
CA GLU C 93 0.42 -6.38 -7.92
C GLU C 93 1.79 -5.86 -7.38
N SER C 94 1.85 -5.51 -6.10
CA SER C 94 3.09 -4.92 -5.51
C SER C 94 3.49 -5.44 -4.09
N ALA C 95 2.79 -6.49 -3.61
CA ALA C 95 3.12 -7.12 -2.30
C ALA C 95 3.09 -6.13 -1.10
N HIS C 96 2.14 -5.19 -1.14
CA HIS C 96 1.88 -4.29 0.00
C HIS C 96 0.57 -4.70 0.65
N PHE C 97 0.66 -5.19 1.89
CA PHE C 97 -0.51 -5.75 2.60
C PHE C 97 -1.12 -4.72 3.56
N PRO C 98 -2.45 -4.84 3.80
CA PRO C 98 -3.12 -3.90 4.70
C PRO C 98 -2.95 -4.29 6.16
N SER C 99 -3.29 -3.36 7.05
CA SER C 99 -3.22 -3.59 8.49
C SER C 99 -4.38 -4.49 8.93
N GLY C 100 -4.20 -5.16 10.06
CA GLY C 100 -5.25 -6.04 10.62
C GLY C 100 -4.68 -7.21 11.39
N GLU C 101 -5.51 -8.24 11.59
CA GLU C 101 -5.13 -9.42 12.39
C GLU C 101 -4.02 -10.25 11.75
N VAL C 102 -4.04 -10.35 10.42
CA VAL C 102 -3.02 -11.12 9.68
C VAL C 102 -1.69 -10.40 9.76
N ASP C 104 -0.65 -8.23 11.95
CA ASP C 104 -0.18 -8.37 13.34
C ASP C 104 0.52 -9.71 13.58
N ALA C 105 -0.05 -10.79 13.03
CA ALA C 105 0.50 -12.15 13.21
C ALA C 105 1.91 -12.29 12.59
N LEU C 106 2.09 -11.76 11.36
CA LEU C 106 3.41 -11.82 10.67
C LEU C 106 4.52 -11.13 11.46
N ARG C 107 4.19 -9.98 12.08
CA ARG C 107 5.16 -9.19 12.87
C ARG C 107 5.64 -9.96 14.13
N ASP C 108 4.76 -10.76 14.72
CA ASP C 108 5.09 -11.57 15.91
C ASP C 108 6.10 -12.71 15.59
N LEU C 109 6.10 -13.17 14.34
CA LEU C 109 7.00 -14.27 13.89
C LEU C 109 8.35 -13.76 13.34
N SER C 110 8.67 -12.47 13.59
CA SER C 110 9.94 -11.83 13.12
C SER C 110 10.12 -11.92 11.58
N ILE C 111 9.01 -11.99 10.85
CA ILE C 111 9.05 -12.09 9.39
C ILE C 111 9.10 -10.67 8.81
N PRO C 112 10.13 -10.38 7.96
CA PRO C 112 10.19 -9.07 7.31
C PRO C 112 9.12 -8.96 6.23
N ILE C 113 8.17 -8.03 6.42
CA ILE C 113 6.98 -7.91 5.56
C ILE C 113 7.36 -7.43 4.15
N SER C 114 8.30 -6.50 4.07
CA SER C 114 8.78 -5.96 2.77
C SER C 114 9.49 -7.03 1.92
N GLN C 115 10.08 -8.03 2.57
CA GLN C 115 10.78 -9.13 1.88
C GLN C 115 9.82 -10.17 1.26
N LEU C 116 8.55 -10.16 1.70
CA LEU C 116 7.53 -11.09 1.16
C LEU C 116 7.23 -10.82 -0.32
N LYS C 117 7.37 -11.86 -1.15
CA LYS C 117 7.06 -11.75 -2.59
C LYS C 117 6.04 -12.79 -2.98
N HIS C 118 5.26 -12.49 -4.01
CA HIS C 118 4.36 -13.47 -4.60
C HIS C 118 5.21 -14.54 -5.31
N ILE C 119 5.02 -15.80 -4.95
CA ILE C 119 5.84 -16.93 -5.49
C ILE C 119 5.08 -17.88 -6.44
N GLY C 120 3.76 -17.72 -6.53
CA GLY C 120 2.95 -18.56 -7.42
C GLY C 120 1.50 -18.60 -7.02
N THR C 121 0.62 -18.89 -7.99
CA THR C 121 -0.81 -18.98 -7.77
C THR C 121 -1.33 -20.38 -8.18
N LEU C 122 -2.06 -21.01 -7.26
CA LEU C 122 -2.66 -22.32 -7.50
C LEU C 122 -4.16 -22.18 -7.77
N SER C 123 -4.64 -22.90 -8.78
CA SER C 123 -6.05 -22.93 -9.10
C SER C 123 -6.66 -24.23 -8.56
N THR C 124 -7.64 -24.10 -7.65
CA THR C 124 -8.34 -25.25 -7.08
C THR C 124 -9.84 -25.19 -7.42
N SER C 125 -10.34 -26.28 -8.00
CA SER C 125 -11.78 -26.51 -8.16
C SER C 125 -12.25 -27.34 -6.95
N ARG C 126 -13.03 -26.72 -6.06
CA ARG C 126 -13.41 -27.35 -4.77
C ARG C 126 -14.90 -27.63 -4.68
N ALA C 127 -15.25 -28.89 -4.36
CA ALA C 127 -16.60 -29.26 -3.93
C ALA C 127 -16.58 -29.43 -2.43
N GLU C 128 -17.53 -28.80 -1.73
CA GLU C 128 -17.52 -28.77 -0.27
C GLU C 128 -18.90 -29.12 0.25
N ILE C 129 -19.00 -30.23 0.99
CA ILE C 129 -20.31 -30.74 1.47
C ILE C 129 -20.34 -31.06 2.96
N SER C 130 -21.57 -31.09 3.50
CA SER C 130 -21.80 -31.53 4.84
CA SER C 130 -21.82 -31.57 4.86
C SER C 130 -21.55 -33.04 4.91
N TYR C 131 -20.73 -33.47 5.89
CA TYR C 131 -20.44 -34.87 6.09
C TYR C 131 -20.39 -35.16 7.61
N GLU C 132 -21.40 -35.91 8.09
CA GLU C 132 -21.62 -36.09 9.54
C GLU C 132 -21.77 -34.68 10.20
N GLN C 133 -21.01 -34.42 11.26
CA GLN C 133 -21.02 -33.11 11.93
C GLN C 133 -19.95 -32.14 11.35
N GLY C 134 -19.18 -32.62 10.36
CA GLY C 134 -18.08 -31.83 9.78
C GLY C 134 -18.30 -31.47 8.33
N ILE C 135 -17.22 -31.08 7.67
CA ILE C 135 -17.25 -30.70 6.27
C ILE C 135 -16.22 -31.50 5.50
N LEU C 136 -16.62 -32.05 4.35
CA LEU C 136 -15.71 -32.79 3.45
C LEU C 136 -15.46 -31.98 2.21
N CYS C 137 -14.18 -31.70 1.93
CA CYS C 137 -13.76 -30.99 0.72
C CYS C 137 -13.16 -31.96 -0.28
N LEU C 138 -13.58 -31.86 -1.54
CA LEU C 138 -12.91 -32.54 -2.66
C LEU C 138 -12.21 -31.46 -3.47
N ASP C 139 -10.88 -31.49 -3.48
CA ASP C 139 -10.06 -30.45 -4.16
C ASP C 139 -9.36 -30.98 -5.38
N HIS C 140 -9.72 -30.47 -6.56
CA HIS C 140 -8.96 -30.71 -7.77
C HIS C 140 -8.13 -29.48 -8.07
N SER C 141 -6.82 -29.58 -7.79
CA SER C 141 -5.89 -28.46 -7.97
C SER C 141 -5.06 -28.67 -9.22
N SER C 142 -4.75 -27.57 -9.89
CA SER C 142 -3.97 -27.63 -11.12
C SER C 142 -3.09 -26.40 -11.26
N TYR C 143 -1.89 -26.62 -11.78
CA TYR C 143 -0.94 -25.55 -12.02
C TYR C 143 -0.16 -25.84 -13.31
N LEU C 144 -0.42 -25.03 -14.35
CA LEU C 144 0.30 -25.13 -15.65
C LEU C 144 0.46 -26.57 -16.16
N GLY C 145 -0.63 -27.35 -16.07
CA GLY C 145 -0.62 -28.74 -16.58
C GLY C 145 -0.42 -29.80 -15.51
N ILE C 146 0.27 -29.43 -14.41
CA ILE C 146 0.45 -30.35 -13.26
C ILE C 146 -0.78 -30.28 -12.38
N GLU C 147 -1.35 -31.44 -12.07
CA GLU C 147 -2.57 -31.50 -11.26
C GLU C 147 -2.53 -32.62 -10.25
N ASP C 148 -3.33 -32.49 -9.20
CA ASP C 148 -3.57 -33.59 -8.28
C ASP C 148 -4.93 -33.46 -7.60
N TYR C 149 -5.31 -34.51 -6.90
CA TYR C 149 -6.60 -34.61 -6.29
C TYR C 149 -6.41 -34.91 -4.84
N GLU C 150 -7.28 -34.35 -4.00
CA GLU C 150 -7.13 -34.46 -2.56
C GLU C 150 -8.47 -34.31 -1.87
N ILE C 151 -8.63 -35.01 -0.75
CA ILE C 151 -9.78 -34.82 0.14
C ILE C 151 -9.30 -34.30 1.47
N GLU C 152 -10.11 -33.42 2.07
CA GLU C 152 -9.86 -32.96 3.44
C GLU C 152 -11.16 -33.01 4.20
N PHE C 153 -11.10 -33.51 5.42
CA PHE C 153 -12.23 -33.47 6.31
C PHE C 153 -11.98 -32.46 7.41
N GLU C 154 -12.87 -31.47 7.53
CA GLU C 154 -12.81 -30.48 8.63
C GLU C 154 -13.79 -30.89 9.72
N GLY C 155 -13.28 -31.10 10.94
CA GLY C 155 -14.10 -31.64 12.06
C GLY C 155 -14.39 -30.65 13.19
N THR C 156 -15.31 -31.05 14.07
CA THR C 156 -15.73 -30.22 15.22
C THR C 156 -14.82 -30.46 16.44
N SER C 157 -14.23 -31.66 16.53
CA SER C 157 -13.25 -31.99 17.56
C SER C 157 -12.24 -32.99 17.00
N GLU C 158 -11.11 -33.14 17.68
CA GLU C 158 -10.07 -34.09 17.25
C GLU C 158 -10.59 -35.53 17.25
N GLU C 159 -11.36 -35.87 18.30
CA GLU C 159 -11.97 -37.21 18.42
C GLU C 159 -12.85 -37.53 17.21
N HIS C 160 -13.83 -36.66 16.94
CA HIS C 160 -14.80 -36.92 15.85
C HIS C 160 -14.15 -36.81 14.46
N ALA C 161 -13.15 -35.95 14.32
CA ALA C 161 -12.37 -35.84 13.07
C ALA C 161 -11.70 -37.19 12.73
N THR C 162 -11.07 -37.82 13.73
CA THR C 162 -10.43 -39.15 13.55
C THR C 162 -11.47 -40.21 13.20
N VAL C 163 -12.55 -40.25 13.97
CA VAL C 163 -13.61 -41.25 13.77
C VAL C 163 -14.26 -41.11 12.38
N THR C 164 -14.66 -39.90 12.03
CA THR C 164 -15.34 -39.64 10.75
C THR C 164 -14.40 -39.85 9.55
N PHE C 165 -13.16 -39.36 9.65
CA PHE C 165 -12.19 -39.52 8.55
C PHE C 165 -11.86 -41.01 8.30
N GLN C 166 -11.67 -41.77 9.37
CA GLN C 166 -11.44 -43.23 9.25
C GLN C 166 -12.65 -43.93 8.58
N GLU C 167 -13.87 -43.44 8.87
CA GLU C 167 -15.08 -43.95 8.22
C GLU C 167 -15.06 -43.64 6.72
N ILE C 168 -14.61 -42.43 6.37
CA ILE C 168 -14.48 -42.03 4.97
C ILE C 168 -13.48 -42.93 4.25
N LEU C 169 -12.30 -43.11 4.86
CA LEU C 169 -11.26 -43.98 4.31
C LEU C 169 -11.75 -45.43 4.13
N LYS C 170 -12.43 -45.97 5.15
CA LYS C 170 -12.95 -47.35 5.09
C LYS C 170 -14.09 -47.49 4.08
N THR C 171 -15.09 -46.59 4.16
CA THR C 171 -16.30 -46.65 3.28
C THR C 171 -15.95 -46.60 1.80
N PHE C 172 -15.04 -45.69 1.43
CA PHE C 172 -14.64 -45.53 0.03
C PHE C 172 -13.30 -46.22 -0.28
N SER C 173 -12.85 -47.09 0.63
CA SER C 173 -11.63 -47.88 0.43
C SER C 173 -10.45 -47.01 0.01
N ILE C 174 -10.21 -45.95 0.79
CA ILE C 174 -9.12 -45.02 0.55
C ILE C 174 -8.03 -45.27 1.59
N SER C 175 -6.78 -45.31 1.15
CA SER C 175 -5.63 -45.44 2.05
C SER C 175 -4.95 -44.08 2.22
N GLN C 176 -4.70 -43.70 3.48
CA GLN C 176 -3.96 -42.47 3.79
C GLN C 176 -2.53 -42.55 3.24
N VAL C 177 -2.13 -41.55 2.43
CA VAL C 177 -0.74 -41.43 1.96
C VAL C 177 -0.15 -40.10 2.45
N PRO C 178 1.20 -40.00 2.53
CA PRO C 178 1.83 -38.74 2.93
C PRO C 178 1.38 -37.58 2.06
N THR C 179 0.79 -36.56 2.67
CA THR C 179 0.19 -35.44 1.94
C THR C 179 0.66 -34.10 2.52
N GLU C 180 1.56 -33.44 1.80
CA GLU C 180 2.01 -32.08 2.16
C GLU C 180 0.94 -31.08 1.77
N ASN C 181 0.99 -29.86 2.35
CA ASN C 181 0.03 -28.81 1.98
C ASN C 181 0.23 -28.33 0.53
N LYS C 182 -0.81 -27.73 -0.03
CA LYS C 182 -0.82 -27.34 -1.45
C LYS C 182 0.41 -26.53 -1.88
N ILE C 183 0.78 -25.52 -1.08
CA ILE C 183 1.94 -24.67 -1.38
C ILE C 183 3.24 -25.49 -1.59
N GLN C 184 3.46 -26.47 -0.72
CA GLN C 184 4.64 -27.32 -0.82
C GLN C 184 4.57 -28.28 -2.02
N ARG C 185 3.39 -28.90 -2.22
CA ARG C 185 3.19 -29.86 -3.33
C ARG C 185 3.49 -29.24 -4.71
N PHE C 186 3.10 -27.99 -4.90
CA PHE C 186 3.18 -27.32 -6.23
C PHE C 186 4.32 -26.31 -6.38
N PHE C 187 4.85 -25.79 -5.26
CA PHE C 187 5.86 -24.71 -5.30
C PHE C 187 7.04 -24.95 -4.32
N SER C 188 7.52 -26.20 -4.25
CA SER C 188 8.68 -26.54 -3.40
C SER C 188 9.97 -26.03 -4.04
#